data_8H5V
#
_entry.id   8H5V
#
_cell.length_a   97.059
_cell.length_b   66.471
_cell.length_c   68.044
_cell.angle_alpha   90.00
_cell.angle_beta   92.51
_cell.angle_gamma   90.00
#
_symmetry.space_group_name_H-M   'C 1 2 1'
#
loop_
_entity.id
_entity.type
_entity.pdbx_description
1 polymer 'flagellar regulatory protein A'
2 non-polymer 1,2-ETHANEDIOL
3 non-polymer 'SULFATE ION'
4 water water
#
_entity_poly.entity_id   1
_entity_poly.type   'polypeptide(L)'
_entity_poly.pdbx_seq_one_letter_code
;MQSLAKLLVIEDDAAIRLNLSVILEFVGEQCEVIESTQIDQINWSAVWGGCILGSLRGQALSEQLIQSLTKANHIPLLVA
NKQPYSLEEFPNYVGELDFPLNYPQLSDALRHCKEFLGRKGFQVLAT
;
_entity_poly.pdbx_strand_id   A,B,C,D
#
loop_
_chem_comp.id
_chem_comp.type
_chem_comp.name
_chem_comp.formula
EDO non-polymer 1,2-ETHANEDIOL 'C2 H6 O2'
SO4 non-polymer 'SULFATE ION' 'O4 S -2'
#
# COMPACT_ATOMS: atom_id res chain seq x y z
N SER A 3 0.49 -4.75 21.83
CA SER A 3 0.45 -3.37 21.38
C SER A 3 -0.78 -3.15 20.50
N LEU A 4 -1.51 -2.08 20.79
CA LEU A 4 -2.71 -1.74 20.04
C LEU A 4 -2.33 -0.93 18.81
N ALA A 5 -1.45 0.05 19.03
CA ALA A 5 -0.96 0.94 17.98
C ALA A 5 0.19 0.35 17.15
N LYS A 6 0.34 0.79 15.92
CA LYS A 6 1.43 0.30 15.10
C LYS A 6 2.77 0.69 15.72
N LEU A 7 3.77 -0.12 15.39
CA LEU A 7 5.15 0.19 15.66
C LEU A 7 5.73 0.99 14.51
N LEU A 8 6.51 2.01 14.85
CA LEU A 8 7.25 2.76 13.87
C LEU A 8 8.63 2.10 13.74
N VAL A 9 9.08 1.89 12.50
CA VAL A 9 10.41 1.33 12.29
C VAL A 9 11.22 2.26 11.38
N ILE A 10 12.37 2.74 11.85
CA ILE A 10 13.24 3.59 11.04
C ILE A 10 14.55 2.86 10.77
N GLU A 11 14.74 2.44 9.53
CA GLU A 11 15.83 1.54 9.19
C GLU A 11 16.28 1.79 7.73
N ASP A 12 17.56 2.14 7.52
CA ASP A 12 18.04 2.55 6.21
C ASP A 12 18.60 1.39 5.37
N ASP A 13 18.64 0.18 5.96
CA ASP A 13 19.01 -1.02 5.19
C ASP A 13 17.75 -1.73 4.71
N ALA A 14 17.59 -1.88 3.40
CA ALA A 14 16.41 -2.52 2.81
C ALA A 14 16.15 -3.94 3.32
N ALA A 15 17.22 -4.72 3.46
CA ALA A 15 17.08 -6.11 3.91
C ALA A 15 16.58 -6.16 5.34
N ILE A 16 17.05 -5.24 6.17
CA ILE A 16 16.60 -5.23 7.56
C ILE A 16 15.17 -4.68 7.66
N ARG A 17 14.82 -3.73 6.81
CA ARG A 17 13.41 -3.26 6.74
C ARG A 17 12.49 -4.46 6.50
N LEU A 18 12.90 -5.29 5.55
CA LEU A 18 12.13 -6.49 5.23
C LEU A 18 12.08 -7.44 6.42
N ASN A 19 13.26 -7.69 7.01
CA ASN A 19 13.40 -8.61 8.14
C ASN A 19 12.51 -8.20 9.30
N LEU A 20 12.54 -6.90 9.65
CA LEU A 20 11.78 -6.38 10.77
C LEU A 20 10.30 -6.41 10.47
N SER A 21 9.95 -6.08 9.23
CA SER A 21 8.56 -6.09 8.83
C SER A 21 7.96 -7.49 8.92
N VAL A 22 8.69 -8.49 8.43
CA VAL A 22 8.19 -9.86 8.44
C VAL A 22 8.02 -10.36 9.88
N ILE A 23 9.04 -10.13 10.70
CA ILE A 23 9.04 -10.66 12.06
C ILE A 23 7.99 -9.99 12.95
N LEU A 24 7.87 -8.67 12.85
CA LEU A 24 6.87 -7.93 13.67
C LEU A 24 5.45 -8.37 13.32
N GLU A 25 5.20 -8.56 12.02
CA GLU A 25 3.91 -9.04 11.57
C GLU A 25 3.67 -10.45 12.13
N PHE A 26 4.74 -11.23 12.13
CA PHE A 26 4.66 -12.61 12.60
C PHE A 26 4.21 -12.68 14.06
N VAL A 27 4.70 -11.75 14.88
CA VAL A 27 4.37 -11.73 16.31
C VAL A 27 3.08 -10.95 16.58
N GLY A 28 2.37 -10.59 15.52
CA GLY A 28 1.04 -9.99 15.65
C GLY A 28 1.00 -8.47 15.78
N GLU A 29 2.10 -7.82 15.42
CA GLU A 29 2.19 -6.35 15.45
C GLU A 29 1.99 -5.74 14.07
N GLN A 30 1.40 -4.56 14.01
CA GLN A 30 1.41 -3.79 12.78
C GLN A 30 2.53 -2.76 12.86
N CYS A 31 3.09 -2.40 11.71
CA CYS A 31 4.17 -1.43 11.74
C CYS A 31 4.18 -0.55 10.51
N GLU A 32 4.79 0.62 10.68
CA GLU A 32 5.06 1.52 9.58
C GLU A 32 6.57 1.55 9.48
N VAL A 33 7.12 1.10 8.36
CA VAL A 33 8.55 0.96 8.21
C VAL A 33 9.06 2.01 7.24
N ILE A 34 9.94 2.89 7.69
CA ILE A 34 10.41 3.94 6.80
C ILE A 34 11.92 4.07 6.80
N GLU A 35 12.44 4.81 5.82
CA GLU A 35 13.85 5.18 5.83
C GLU A 35 13.98 6.49 6.59
N SER A 36 15.20 6.80 7.03
CA SER A 36 15.42 7.98 7.86
C SER A 36 15.12 9.26 7.10
N THR A 37 15.03 9.21 5.79
CA THR A 37 14.69 10.40 4.99
C THR A 37 13.19 10.65 4.91
N GLN A 38 12.41 9.81 5.60
CA GLN A 38 10.96 9.91 5.54
C GLN A 38 10.32 10.34 6.85
N ILE A 39 11.10 10.93 7.75
CA ILE A 39 10.55 11.25 9.05
C ILE A 39 9.45 12.32 9.00
N ASP A 40 9.43 13.13 7.93
CA ASP A 40 8.36 14.12 7.77
C ASP A 40 7.03 13.42 7.47
N GLN A 41 7.08 12.14 7.07
CA GLN A 41 5.85 11.43 6.72
C GLN A 41 5.16 10.83 7.94
N ILE A 42 5.76 11.04 9.10
CA ILE A 42 5.25 10.44 10.32
C ILE A 42 4.52 11.46 11.20
N ASN A 43 3.32 11.14 11.65
CA ASN A 43 2.66 11.94 12.69
C ASN A 43 3.25 11.61 14.05
N TRP A 44 4.26 12.38 14.42
CA TRP A 44 4.96 12.11 15.68
C TRP A 44 4.15 12.40 16.96
N SER A 45 3.04 13.12 16.83
CA SER A 45 2.21 13.47 17.97
C SER A 45 1.26 12.37 18.38
N ALA A 46 1.08 11.41 17.50
CA ALA A 46 0.13 10.33 17.76
C ALA A 46 0.75 9.28 18.67
N VAL A 47 -0.10 8.41 19.21
CA VAL A 47 0.39 7.37 20.12
C VAL A 47 0.77 6.12 19.33
N TRP A 48 2.07 5.85 19.24
CA TRP A 48 2.60 4.68 18.54
C TRP A 48 2.90 3.61 19.57
N GLY A 49 2.99 2.36 19.14
CA GLY A 49 3.30 1.28 20.05
C GLY A 49 4.77 1.30 20.46
N GLY A 50 5.55 2.05 19.71
CA GLY A 50 6.99 2.10 19.93
C GLY A 50 7.70 2.57 18.68
N CYS A 51 8.97 2.92 18.82
CA CYS A 51 9.76 3.30 17.66
C CYS A 51 11.04 2.49 17.69
N ILE A 52 11.24 1.69 16.65
CA ILE A 52 12.46 0.87 16.54
C ILE A 52 13.39 1.53 15.58
N LEU A 53 14.54 1.95 16.09
CA LEU A 53 15.57 2.57 15.27
C LEU A 53 16.67 1.60 14.93
N GLY A 54 17.03 1.50 13.66
CA GLY A 54 18.10 0.60 13.27
C GLY A 54 19.30 1.28 12.65
N SER A 55 19.81 0.75 11.54
CA SER A 55 20.95 1.39 10.90
C SER A 55 20.47 2.65 10.17
N LEU A 56 21.24 3.72 10.34
CA LEU A 56 20.93 5.05 9.82
C LEU A 56 22.05 5.61 8.97
N ARG A 57 21.67 6.17 7.82
CA ARG A 57 22.61 6.80 6.90
C ARG A 57 23.43 7.84 7.66
N GLY A 58 24.75 7.68 7.62
CA GLY A 58 25.63 8.60 8.30
C GLY A 58 26.02 8.08 9.66
N GLN A 59 25.45 6.94 10.07
CA GLN A 59 25.81 6.27 11.31
C GLN A 59 25.39 7.08 12.54
N ALA A 60 24.51 8.04 12.36
CA ALA A 60 24.11 8.91 13.45
C ALA A 60 22.69 9.42 13.27
N LEU A 61 22.12 9.92 14.36
CA LEU A 61 20.79 10.53 14.33
C LEU A 61 20.89 11.91 13.69
N SER A 62 20.08 12.18 12.67
CA SER A 62 20.06 13.52 12.09
C SER A 62 19.51 14.49 13.12
N GLU A 63 19.84 15.78 13.00
CA GLU A 63 19.28 16.76 13.93
C GLU A 63 17.75 16.76 13.85
N GLN A 64 17.20 16.51 12.67
CA GLN A 64 15.75 16.45 12.52
C GLN A 64 15.15 15.28 13.30
N LEU A 65 15.80 14.12 13.26
CA LEU A 65 15.28 12.96 13.99
C LEU A 65 15.42 13.20 15.50
N ILE A 66 16.53 13.83 15.89
CA ILE A 66 16.73 14.22 17.27
C ILE A 66 15.62 15.13 17.77
N GLN A 67 15.28 16.14 16.96
CA GLN A 67 14.21 17.06 17.31
C GLN A 67 12.91 16.28 17.48
N SER A 68 12.64 15.39 16.54
CA SER A 68 11.43 14.56 16.58
C SER A 68 11.40 13.60 17.78
N LEU A 69 12.49 12.89 18.01
CA LEU A 69 12.54 11.98 19.13
C LEU A 69 12.44 12.72 20.47
N THR A 70 12.97 13.95 20.53
CA THR A 70 12.92 14.69 21.77
C THR A 70 11.50 15.10 22.10
N LYS A 71 10.79 15.63 21.10
CA LYS A 71 9.43 16.09 21.32
C LYS A 71 8.50 14.91 21.56
N ALA A 72 8.74 13.80 20.88
CA ALA A 72 7.88 12.63 21.00
C ALA A 72 8.30 11.71 22.14
N ASN A 73 8.35 12.26 23.35
CA ASN A 73 8.79 11.53 24.55
C ASN A 73 7.77 10.51 25.04
N HIS A 74 6.61 10.48 24.41
CA HIS A 74 5.56 9.53 24.74
C HIS A 74 5.71 8.21 23.99
N ILE A 75 6.70 8.15 23.09
CA ILE A 75 6.93 6.96 22.28
C ILE A 75 8.11 6.18 22.82
N PRO A 76 7.88 4.93 23.25
CA PRO A 76 9.00 4.13 23.74
C PRO A 76 9.92 3.76 22.57
N LEU A 77 11.21 3.86 22.82
CA LEU A 77 12.26 3.70 21.80
C LEU A 77 13.04 2.40 21.98
N LEU A 78 13.18 1.64 20.90
CA LEU A 78 14.03 0.45 20.85
C LEU A 78 15.14 0.63 19.82
N VAL A 79 16.31 0.05 20.07
CA VAL A 79 17.35 0.03 19.04
C VAL A 79 17.49 -1.39 18.47
N ALA A 80 17.42 -1.53 17.15
CA ALA A 80 17.56 -2.82 16.48
C ALA A 80 19.00 -3.02 16.08
N ASN A 81 19.65 -4.00 16.72
CA ASN A 81 21.09 -4.27 16.60
C ASN A 81 21.90 -3.16 17.23
N LYS A 82 23.17 -3.43 17.48
CA LYS A 82 24.08 -2.46 18.08
C LYS A 82 24.39 -1.40 17.05
N GLN A 83 24.29 -0.14 17.45
CA GLN A 83 24.52 0.98 16.56
C GLN A 83 25.65 1.90 17.03
N PRO A 84 26.28 2.63 16.09
CA PRO A 84 27.34 3.55 16.50
C PRO A 84 26.80 4.76 17.28
N TYR A 85 25.51 5.04 17.13
CA TYR A 85 24.87 6.09 17.91
C TYR A 85 24.28 5.50 19.18
N SER A 86 23.90 6.38 20.09
CA SER A 86 23.31 5.99 21.37
C SER A 86 22.01 6.76 21.64
N LEU A 87 21.08 6.13 22.35
CA LEU A 87 19.79 6.74 22.65
C LEU A 87 19.64 7.02 24.15
N GLU A 88 20.75 6.95 24.89
CA GLU A 88 20.72 7.13 26.33
C GLU A 88 20.20 8.49 26.75
N GLU A 89 20.38 9.49 25.90
CA GLU A 89 19.94 10.83 26.24
C GLU A 89 18.41 10.85 26.28
N PHE A 90 17.77 9.92 25.58
CA PHE A 90 16.32 9.95 25.52
C PHE A 90 15.68 9.22 26.70
N PRO A 91 14.83 9.93 27.46
CA PRO A 91 14.16 9.34 28.63
C PRO A 91 13.19 8.22 28.26
N ASN A 92 12.73 8.21 27.02
CA ASN A 92 11.80 7.20 26.52
C ASN A 92 12.50 5.99 25.87
N TYR A 93 13.82 5.93 26.00
CA TYR A 93 14.57 4.80 25.50
C TYR A 93 14.30 3.59 26.37
N VAL A 94 13.87 2.47 25.80
CA VAL A 94 13.59 1.33 26.66
C VAL A 94 14.44 0.09 26.40
N GLY A 95 15.39 0.17 25.46
CA GLY A 95 16.31 -0.94 25.29
C GLY A 95 16.62 -1.33 23.87
N GLU A 96 17.33 -2.46 23.73
CA GLU A 96 17.81 -2.90 22.43
C GLU A 96 17.26 -4.28 22.05
N LEU A 97 17.21 -4.52 20.75
CA LEU A 97 16.76 -5.78 20.19
C LEU A 97 18.03 -6.48 19.76
N ASP A 98 18.24 -7.69 20.28
CA ASP A 98 19.47 -8.40 19.98
C ASP A 98 19.43 -9.10 18.63
N PHE A 99 20.53 -9.05 17.88
CA PHE A 99 20.64 -9.93 16.71
C PHE A 99 21.52 -11.13 17.01
N PRO A 100 21.15 -12.31 16.48
CA PRO A 100 19.94 -12.48 15.67
C PRO A 100 18.68 -12.43 16.51
N LEU A 101 17.61 -11.89 15.94
CA LEU A 101 16.32 -11.81 16.60
C LEU A 101 15.81 -13.17 17.04
N ASN A 102 15.23 -13.21 18.22
CA ASN A 102 14.56 -14.41 18.69
C ASN A 102 13.30 -14.06 19.44
N TYR A 103 12.37 -14.98 19.49
CA TYR A 103 11.06 -14.70 20.05
C TYR A 103 11.08 -14.28 21.53
N PRO A 104 11.79 -15.03 22.41
CA PRO A 104 11.77 -14.56 23.81
C PRO A 104 12.31 -13.12 24.02
N GLN A 105 13.42 -12.79 23.37
CA GLN A 105 14.02 -11.46 23.56
C GLN A 105 13.13 -10.39 22.90
N LEU A 106 12.62 -10.65 21.71
CA LEU A 106 11.75 -9.66 21.05
C LEU A 106 10.47 -9.42 21.84
N SER A 107 9.83 -10.50 22.30
CA SER A 107 8.65 -10.39 23.15
C SER A 107 8.92 -9.56 24.41
N ASP A 108 10.07 -9.74 25.05
CA ASP A 108 10.39 -8.94 26.22
C ASP A 108 10.49 -7.45 25.86
N ALA A 109 11.11 -7.18 24.72
CA ALA A 109 11.33 -5.81 24.30
C ALA A 109 9.99 -5.14 24.06
N LEU A 110 9.10 -5.85 23.37
CA LEU A 110 7.79 -5.29 23.05
C LEU A 110 6.97 -5.15 24.32
N ARG A 111 7.20 -6.04 25.27
CA ARG A 111 6.53 -5.97 26.57
C ARG A 111 6.97 -4.69 27.31
N HIS A 112 8.26 -4.39 27.26
CA HIS A 112 8.80 -3.19 27.90
C HIS A 112 8.19 -1.93 27.26
N CYS A 113 7.94 -1.98 25.94
CA CYS A 113 7.23 -0.89 25.27
C CYS A 113 5.82 -0.74 25.83
N LYS A 114 5.10 -1.86 25.98
CA LYS A 114 3.74 -1.82 26.53
C LYS A 114 3.74 -1.22 27.93
N GLU A 115 4.69 -1.66 28.76
CA GLU A 115 4.78 -1.22 30.15
C GLU A 115 5.08 0.28 30.20
N PHE A 116 6.00 0.72 29.35
CA PHE A 116 6.30 2.14 29.25
C PHE A 116 5.03 2.96 28.94
N LEU A 117 4.30 2.53 27.91
CA LEU A 117 3.05 3.19 27.53
C LEU A 117 2.06 3.19 28.69
N GLY A 118 2.09 2.13 29.50
CA GLY A 118 1.22 2.03 30.66
C GLY A 118 1.53 3.10 31.69
N ARG A 119 2.82 3.32 31.96
CA ARG A 119 3.20 4.36 32.92
C ARG A 119 2.81 5.72 32.41
N LYS A 120 2.85 5.90 31.09
CA LYS A 120 2.48 7.17 30.50
C LYS A 120 0.96 7.38 30.47
N GLY A 121 0.20 6.36 30.87
CA GLY A 121 -1.24 6.52 30.93
C GLY A 121 -2.02 6.04 29.71
N PHE A 122 -1.39 5.26 28.84
CA PHE A 122 -2.05 4.88 27.58
C PHE A 122 -2.75 3.51 27.44
N GLN A 123 -2.37 2.48 28.17
CA GLN A 123 -3.08 1.19 28.02
C GLN A 123 -2.85 0.16 29.12
N VAL A 124 -3.74 -0.82 29.19
CA VAL A 124 -3.66 -1.89 30.18
C VAL A 124 -3.93 -3.28 29.59
N LEU A 125 -3.00 -4.20 29.81
CA LEU A 125 -3.11 -5.58 29.34
C LEU A 125 -3.10 -6.56 30.50
N MET B 1 -28.44 12.73 1.92
CA MET B 1 -28.78 13.20 0.58
C MET B 1 -27.58 13.11 -0.36
N GLN B 2 -27.73 13.75 -1.52
CA GLN B 2 -26.73 13.68 -2.59
C GLN B 2 -25.94 14.98 -2.71
N SER B 3 -26.31 15.99 -1.92
CA SER B 3 -25.71 17.31 -2.07
C SER B 3 -24.26 17.41 -1.61
N LEU B 4 -23.75 16.38 -0.92
CA LEU B 4 -22.37 16.44 -0.44
C LEU B 4 -21.25 15.83 -1.31
N ALA B 5 -20.93 16.38 -2.48
CA ALA B 5 -19.75 15.89 -3.21
C ALA B 5 -18.49 16.52 -2.58
N LYS B 6 -18.70 17.09 -1.40
CA LYS B 6 -17.68 17.68 -0.57
C LYS B 6 -16.76 16.60 -0.01
N LEU B 7 -15.55 17.00 0.35
CA LEU B 7 -14.67 16.14 1.12
C LEU B 7 -14.88 16.41 2.61
N LEU B 8 -14.96 15.34 3.39
CA LEU B 8 -14.95 15.47 4.84
C LEU B 8 -13.50 15.31 5.28
N VAL B 9 -13.02 16.23 6.11
CA VAL B 9 -11.65 16.17 6.61
C VAL B 9 -11.67 16.15 8.15
N ILE B 10 -11.09 15.10 8.73
CA ILE B 10 -11.03 14.97 10.19
C ILE B 10 -9.59 15.06 10.64
N GLU B 11 -9.23 16.16 11.30
CA GLU B 11 -7.84 16.41 11.60
C GLU B 11 -7.75 17.17 12.92
N ASP B 12 -7.07 16.61 13.93
CA ASP B 12 -7.08 17.25 15.25
C ASP B 12 -5.91 18.22 15.48
N ASP B 13 -4.96 18.29 14.57
CA ASP B 13 -3.90 19.27 14.74
C ASP B 13 -4.25 20.56 14.00
N ALA B 14 -4.25 21.68 14.73
CA ALA B 14 -4.67 22.98 14.22
C ALA B 14 -3.87 23.41 13.01
N ALA B 15 -2.54 23.24 13.08
CA ALA B 15 -1.67 23.63 11.99
C ALA B 15 -1.92 22.81 10.74
N ILE B 16 -2.09 21.51 10.88
CA ILE B 16 -2.33 20.67 9.72
C ILE B 16 -3.72 20.94 9.17
N ARG B 17 -4.65 21.16 10.08
CA ARG B 17 -6.02 21.51 9.71
C ARG B 17 -6.01 22.74 8.80
N LEU B 18 -5.24 23.75 9.20
CA LEU B 18 -5.13 24.96 8.41
C LEU B 18 -4.54 24.69 7.03
N ASN B 19 -3.43 23.94 6.99
CA ASN B 19 -2.78 23.60 5.72
C ASN B 19 -3.71 22.88 4.76
N LEU B 20 -4.47 21.92 5.27
CA LEU B 20 -5.34 21.14 4.42
C LEU B 20 -6.44 22.01 3.83
N SER B 21 -7.03 22.89 4.65
CA SER B 21 -8.09 23.76 4.13
C SER B 21 -7.54 24.69 3.08
N VAL B 22 -6.36 25.23 3.33
CA VAL B 22 -5.73 26.12 2.36
C VAL B 22 -5.50 25.38 1.04
N ILE B 23 -4.98 24.17 1.13
CA ILE B 23 -4.69 23.39 -0.07
C ILE B 23 -5.96 23.00 -0.84
N LEU B 24 -6.96 22.49 -0.13
CA LEU B 24 -8.21 22.09 -0.75
C LEU B 24 -8.92 23.28 -1.39
N GLU B 25 -8.88 24.43 -0.71
CA GLU B 25 -9.46 25.64 -1.27
C GLU B 25 -8.72 26.05 -2.52
N PHE B 26 -7.40 25.91 -2.49
CA PHE B 26 -6.55 26.24 -3.61
C PHE B 26 -6.87 25.39 -4.84
N VAL B 27 -7.14 24.10 -4.66
CA VAL B 27 -7.41 23.29 -5.84
C VAL B 27 -8.91 23.28 -6.18
N GLY B 28 -9.70 24.04 -5.44
CA GLY B 28 -11.10 24.18 -5.78
C GLY B 28 -12.02 23.10 -5.25
N GLU B 29 -11.61 22.35 -4.22
CA GLU B 29 -12.45 21.28 -3.68
C GLU B 29 -13.27 21.81 -2.52
N GLN B 30 -14.52 21.39 -2.43
CA GLN B 30 -15.35 21.86 -1.34
C GLN B 30 -15.06 20.90 -0.22
N CYS B 31 -15.04 21.39 1.01
CA CYS B 31 -14.75 20.50 2.13
C CYS B 31 -15.41 20.98 3.41
N GLU B 32 -15.60 20.04 4.32
CA GLU B 32 -15.99 20.33 5.68
C GLU B 32 -14.87 19.81 6.54
N VAL B 33 -14.23 20.71 7.28
CA VAL B 33 -13.08 20.35 8.09
C VAL B 33 -13.47 20.35 9.57
N ILE B 34 -13.30 19.20 10.23
CA ILE B 34 -13.66 19.05 11.64
C ILE B 34 -12.60 18.33 12.47
N GLU B 35 -12.76 18.41 13.78
CA GLU B 35 -11.98 17.59 14.70
C GLU B 35 -12.74 16.30 14.98
N SER B 36 -12.03 15.30 15.50
CA SER B 36 -12.60 13.97 15.72
C SER B 36 -13.70 13.97 16.77
N THR B 37 -13.78 15.04 17.56
CA THR B 37 -14.83 15.13 18.57
C THR B 37 -16.11 15.70 17.97
N GLN B 38 -16.11 15.99 16.68
CA GLN B 38 -17.29 16.58 16.06
C GLN B 38 -17.96 15.62 15.08
N ILE B 39 -17.61 14.35 15.14
CA ILE B 39 -18.13 13.39 14.18
C ILE B 39 -19.63 13.18 14.37
N ASP B 40 -20.14 13.46 15.56
CA ASP B 40 -21.57 13.33 15.79
C ASP B 40 -22.35 14.40 15.03
N GLN B 41 -21.64 15.40 14.52
CA GLN B 41 -22.27 16.47 13.75
C GLN B 41 -22.32 16.10 12.25
N ILE B 42 -21.80 14.93 11.89
CA ILE B 42 -21.73 14.51 10.49
C ILE B 42 -22.84 13.49 10.13
N ASN B 43 -23.54 13.75 9.03
CA ASN B 43 -24.48 12.76 8.49
C ASN B 43 -23.76 11.69 7.70
N TRP B 44 -23.41 10.60 8.37
CA TRP B 44 -22.66 9.52 7.73
C TRP B 44 -23.50 8.74 6.71
N SER B 45 -24.82 8.93 6.71
CA SER B 45 -25.69 8.25 5.74
C SER B 45 -25.67 8.95 4.38
N ALA B 46 -25.23 10.20 4.34
CA ALA B 46 -25.25 10.98 3.12
C ALA B 46 -24.08 10.59 2.21
N VAL B 47 -24.15 11.01 0.95
CA VAL B 47 -23.11 10.67 -0.01
C VAL B 47 -22.03 11.75 -0.01
N TRP B 48 -20.81 11.40 0.40
CA TRP B 48 -19.67 12.31 0.38
C TRP B 48 -18.69 12.04 -0.75
N GLY B 49 -17.90 13.05 -1.12
CA GLY B 49 -16.89 12.87 -2.15
C GLY B 49 -15.76 12.06 -1.57
N GLY B 50 -15.69 12.03 -0.25
CA GLY B 50 -14.61 11.30 0.38
C GLY B 50 -14.36 11.78 1.78
N CYS B 51 -13.58 11.03 2.52
CA CYS B 51 -13.22 11.41 3.88
C CYS B 51 -11.72 11.27 4.07
N ILE B 52 -11.07 12.35 4.44
CA ILE B 52 -9.64 12.37 4.72
C ILE B 52 -9.41 12.37 6.22
N LEU B 53 -8.80 11.30 6.75
CA LEU B 53 -8.48 11.25 8.19
C LEU B 53 -7.01 11.51 8.46
N GLY B 54 -6.73 12.37 9.44
CA GLY B 54 -5.38 12.77 9.77
C GLY B 54 -5.04 12.44 11.19
N SER B 55 -4.54 13.43 11.92
CA SER B 55 -4.21 13.24 13.33
C SER B 55 -5.50 13.02 14.09
N LEU B 56 -5.53 11.99 14.92
CA LEU B 56 -6.70 11.75 15.74
C LEU B 56 -6.25 11.63 17.18
N ARG B 57 -6.78 12.49 18.04
CA ARG B 57 -6.47 12.43 19.46
C ARG B 57 -6.86 11.11 20.08
N GLY B 58 -6.20 10.77 21.17
CA GLY B 58 -6.52 9.54 21.86
C GLY B 58 -5.50 8.45 21.60
N GLN B 59 -5.68 7.38 22.35
CA GLN B 59 -4.83 6.19 22.33
C GLN B 59 -5.20 5.23 21.21
N ALA B 60 -6.46 5.31 20.80
CA ALA B 60 -7.03 4.43 19.81
C ALA B 60 -8.16 5.18 19.11
N LEU B 61 -8.57 4.70 17.94
CA LEU B 61 -9.70 5.28 17.24
C LEU B 61 -10.89 4.94 18.09
N SER B 62 -11.73 5.91 18.35
CA SER B 62 -12.90 5.62 19.15
C SER B 62 -13.74 4.59 18.42
N GLU B 63 -14.41 3.75 19.19
CA GLU B 63 -15.31 2.75 18.65
C GLU B 63 -16.42 3.49 17.90
N GLN B 64 -16.68 4.73 18.33
CA GLN B 64 -17.64 5.61 17.69
C GLN B 64 -17.24 5.93 16.25
N LEU B 65 -15.97 6.22 16.03
CA LEU B 65 -15.46 6.50 14.70
C LEU B 65 -15.38 5.21 13.90
N ILE B 66 -14.99 4.14 14.58
CA ILE B 66 -14.90 2.82 13.96
C ILE B 66 -16.26 2.36 13.42
N GLN B 67 -17.30 2.52 14.23
CA GLN B 67 -18.64 2.20 13.80
C GLN B 67 -19.07 3.08 12.63
N SER B 68 -18.82 4.38 12.71
CA SER B 68 -19.25 5.28 11.65
C SER B 68 -18.58 4.95 10.31
N LEU B 69 -17.27 4.73 10.33
CA LEU B 69 -16.54 4.36 9.12
C LEU B 69 -16.96 2.99 8.57
N THR B 70 -17.33 2.07 9.44
CA THR B 70 -17.75 0.76 8.98
C THR B 70 -19.10 0.85 8.27
N LYS B 71 -20.03 1.57 8.87
CA LYS B 71 -21.37 1.71 8.32
C LYS B 71 -21.35 2.53 7.02
N ALA B 72 -20.47 3.52 6.96
CA ALA B 72 -20.39 4.39 5.79
C ALA B 72 -19.43 3.83 4.73
N ASN B 73 -19.72 2.62 4.25
CA ASN B 73 -18.85 1.96 3.29
C ASN B 73 -18.92 2.58 1.87
N HIS B 74 -19.81 3.55 1.67
CA HIS B 74 -19.90 4.25 0.40
C HIS B 74 -18.99 5.47 0.31
N ILE B 75 -18.28 5.77 1.40
CA ILE B 75 -17.39 6.91 1.44
C ILE B 75 -15.94 6.45 1.31
N PRO B 76 -15.25 6.88 0.23
CA PRO B 76 -13.84 6.49 0.09
C PRO B 76 -12.98 7.20 1.13
N LEU B 77 -12.05 6.45 1.72
CA LEU B 77 -11.26 6.90 2.87
C LEU B 77 -9.83 7.17 2.47
N LEU B 78 -9.32 8.35 2.81
CA LEU B 78 -7.90 8.66 2.61
C LEU B 78 -7.27 8.96 3.97
N VAL B 79 -6.03 8.55 4.16
CA VAL B 79 -5.33 8.91 5.39
C VAL B 79 -4.25 9.92 5.10
N ALA B 80 -4.26 11.02 5.85
CA ALA B 80 -3.24 12.05 5.66
C ALA B 80 -2.05 11.85 6.58
N ASN B 81 -0.91 11.55 5.97
CA ASN B 81 0.36 11.21 6.62
C ASN B 81 0.28 9.87 7.36
N LYS B 82 1.43 9.35 7.78
CA LYS B 82 1.44 8.02 8.43
C LYS B 82 0.98 8.10 9.89
N GLN B 83 -0.02 7.26 10.19
CA GLN B 83 -0.70 7.23 11.47
C GLN B 83 -0.56 5.85 12.13
N PRO B 84 -0.64 5.81 13.47
CA PRO B 84 -0.55 4.56 14.24
C PRO B 84 -1.80 3.69 14.13
N TYR B 85 -2.90 4.26 13.66
CA TYR B 85 -4.10 3.46 13.44
C TYR B 85 -4.09 2.89 12.02
N SER B 86 -4.90 1.88 11.78
CA SER B 86 -4.89 1.29 10.46
C SER B 86 -6.27 1.16 9.86
N LEU B 87 -6.37 1.48 8.59
CA LEU B 87 -7.64 1.47 7.90
C LEU B 87 -7.66 0.52 6.71
N GLU B 88 -6.60 -0.27 6.55
CA GLU B 88 -6.45 -1.13 5.36
C GLU B 88 -7.54 -2.21 5.23
N GLU B 89 -8.10 -2.65 6.34
CA GLU B 89 -9.14 -3.68 6.31
C GLU B 89 -10.47 -3.11 5.79
N PHE B 90 -10.61 -1.78 5.76
CA PHE B 90 -11.85 -1.18 5.29
C PHE B 90 -11.94 -1.28 3.77
N PRO B 91 -13.03 -1.85 3.27
CA PRO B 91 -13.15 -2.00 1.81
C PRO B 91 -13.21 -0.64 1.11
N ASN B 92 -13.59 0.41 1.83
CA ASN B 92 -13.66 1.75 1.25
C ASN B 92 -12.38 2.54 1.46
N TYR B 93 -11.34 1.87 1.94
CA TYR B 93 -10.04 2.52 2.09
C TYR B 93 -9.38 2.70 0.73
N VAL B 94 -9.00 3.92 0.34
CA VAL B 94 -8.44 4.05 -1.00
C VAL B 94 -7.00 4.57 -1.02
N GLY B 95 -6.40 4.70 0.16
CA GLY B 95 -4.98 4.99 0.24
C GLY B 95 -4.54 6.11 1.17
N GLU B 96 -3.24 6.34 1.17
CA GLU B 96 -2.66 7.29 2.12
C GLU B 96 -1.92 8.40 1.39
N LEU B 97 -1.91 9.58 1.97
CA LEU B 97 -1.19 10.66 1.37
C LEU B 97 -0.08 11.09 2.31
N ASP B 98 1.18 10.93 1.91
CA ASP B 98 2.32 11.31 2.74
C ASP B 98 2.66 12.77 2.55
N PHE B 99 3.16 13.39 3.61
CA PHE B 99 3.53 14.79 3.61
C PHE B 99 4.98 14.93 3.17
N PRO B 100 5.31 16.03 2.49
CA PRO B 100 4.36 17.08 2.13
C PRO B 100 3.48 16.72 0.93
N LEU B 101 2.21 17.10 0.97
CA LEU B 101 1.31 16.93 -0.16
C LEU B 101 1.79 17.65 -1.39
N ASN B 102 1.49 17.07 -2.54
CA ASN B 102 1.72 17.74 -3.80
C ASN B 102 0.53 17.56 -4.70
N TYR B 103 0.45 18.44 -5.71
CA TYR B 103 -0.71 18.47 -6.59
C TYR B 103 -0.96 17.16 -7.34
N PRO B 104 0.06 16.60 -8.01
CA PRO B 104 -0.21 15.33 -8.73
C PRO B 104 -0.71 14.21 -7.80
N GLN B 105 -0.11 14.14 -6.61
CA GLN B 105 -0.45 13.17 -5.60
C GLN B 105 -1.89 13.32 -5.11
N LEU B 106 -2.27 14.54 -4.77
CA LEU B 106 -3.61 14.79 -4.30
C LEU B 106 -4.63 14.55 -5.45
N SER B 107 -4.29 15.01 -6.65
CA SER B 107 -5.18 14.82 -7.79
C SER B 107 -5.47 13.35 -8.05
N ASP B 108 -4.45 12.52 -7.96
CA ASP B 108 -4.60 11.08 -8.16
C ASP B 108 -5.48 10.47 -7.07
N ALA B 109 -5.29 10.93 -5.84
CA ALA B 109 -6.07 10.43 -4.72
C ALA B 109 -7.54 10.81 -4.88
N LEU B 110 -7.80 12.04 -5.27
CA LEU B 110 -9.18 12.46 -5.42
C LEU B 110 -9.80 11.72 -6.59
N ARG B 111 -8.97 11.40 -7.59
CA ARG B 111 -9.44 10.64 -8.74
C ARG B 111 -9.86 9.26 -8.28
N HIS B 112 -9.06 8.67 -7.39
CA HIS B 112 -9.34 7.35 -6.85
C HIS B 112 -10.66 7.36 -6.06
N CYS B 113 -10.92 8.47 -5.37
CA CYS B 113 -12.19 8.60 -4.65
C CYS B 113 -13.35 8.54 -5.61
N LYS B 114 -13.27 9.32 -6.70
CA LYS B 114 -14.32 9.34 -7.69
C LYS B 114 -14.55 7.98 -8.29
N GLU B 115 -13.46 7.29 -8.60
CA GLU B 115 -13.54 5.97 -9.22
C GLU B 115 -14.25 5.03 -8.26
N PHE B 116 -13.92 5.14 -6.97
CA PHE B 116 -14.56 4.33 -5.95
C PHE B 116 -16.07 4.57 -5.90
N LEU B 117 -16.47 5.85 -5.86
CA LEU B 117 -17.89 6.20 -5.86
C LEU B 117 -18.56 5.61 -7.09
N GLY B 118 -17.80 5.59 -8.18
CA GLY B 118 -18.33 5.05 -9.42
C GLY B 118 -18.61 3.57 -9.26
N ARG B 119 -17.67 2.87 -8.64
CA ARG B 119 -17.82 1.43 -8.44
C ARG B 119 -18.98 1.13 -7.51
N LYS B 120 -19.23 2.05 -6.57
CA LYS B 120 -20.34 1.91 -5.62
C LYS B 120 -21.69 2.24 -6.27
N GLY B 121 -21.68 2.58 -7.54
CA GLY B 121 -22.93 2.86 -8.25
C GLY B 121 -23.30 4.32 -8.40
N PHE B 122 -22.38 5.22 -8.07
CA PHE B 122 -22.65 6.66 -8.17
C PHE B 122 -22.09 7.37 -9.41
N GLN B 123 -22.19 6.74 -10.58
CA GLN B 123 -21.74 7.37 -11.82
C GLN B 123 -22.36 8.76 -12.01
N GLN C 2 12.54 17.06 -7.53
CA GLN C 2 12.57 18.17 -6.58
C GLN C 2 14.00 18.55 -6.23
N SER C 3 14.61 17.78 -5.34
CA SER C 3 15.99 18.02 -4.91
C SER C 3 16.93 17.01 -5.58
N LEU C 4 17.30 15.97 -4.84
CA LEU C 4 18.16 14.93 -5.40
C LEU C 4 17.23 13.94 -6.05
N ALA C 5 17.54 13.56 -7.29
CA ALA C 5 16.63 12.72 -8.05
C ALA C 5 16.67 11.25 -7.69
N LYS C 6 15.56 10.83 -7.12
CA LYS C 6 15.32 9.44 -6.79
C LYS C 6 15.15 8.64 -8.08
N LEU C 7 15.50 7.37 -8.03
CA LEU C 7 15.27 6.44 -9.13
C LEU C 7 13.93 5.74 -8.94
N LEU C 8 13.18 5.62 -10.02
CA LEU C 8 11.95 4.83 -10.00
C LEU C 8 12.28 3.42 -10.45
N VAL C 9 11.84 2.43 -9.68
CA VAL C 9 12.06 1.04 -10.05
C VAL C 9 10.74 0.30 -10.12
N ILE C 10 10.43 -0.25 -11.29
CA ILE C 10 9.20 -1.01 -11.49
C ILE C 10 9.58 -2.46 -11.77
N GLU C 11 9.31 -3.32 -10.80
CA GLU C 11 9.80 -4.68 -10.84
C GLU C 11 8.80 -5.57 -10.15
N ASP C 12 8.29 -6.57 -10.86
CA ASP C 12 7.18 -7.36 -10.31
C ASP C 12 7.60 -8.59 -9.52
N ASP C 13 8.89 -8.90 -9.50
CA ASP C 13 9.36 -9.98 -8.65
C ASP C 13 9.86 -9.41 -7.32
N ALA C 14 9.29 -9.90 -6.22
CA ALA C 14 9.61 -9.40 -4.87
C ALA C 14 11.09 -9.54 -4.53
N ALA C 15 11.69 -10.68 -4.86
CA ALA C 15 13.10 -10.91 -4.53
C ALA C 15 13.97 -9.97 -5.29
N ILE C 16 13.62 -9.69 -6.54
CA ILE C 16 14.43 -8.81 -7.35
C ILE C 16 14.26 -7.37 -6.86
N ARG C 17 13.07 -6.99 -6.44
CA ARG C 17 12.85 -5.66 -5.86
C ARG C 17 13.82 -5.42 -4.70
N LEU C 18 13.92 -6.42 -3.84
CA LEU C 18 14.83 -6.36 -2.70
C LEU C 18 16.26 -6.20 -3.17
N ASN C 19 16.69 -7.04 -4.12
CA ASN C 19 18.07 -6.98 -4.61
C ASN C 19 18.42 -5.61 -5.19
N LEU C 20 17.49 -5.06 -6.00
CA LEU C 20 17.72 -3.79 -6.64
C LEU C 20 17.78 -2.69 -5.58
N SER C 21 16.89 -2.75 -4.59
CA SER C 21 16.88 -1.73 -3.55
C SER C 21 18.20 -1.77 -2.77
N VAL C 22 18.65 -2.96 -2.44
CA VAL C 22 19.90 -3.12 -1.68
C VAL C 22 21.07 -2.52 -2.43
N ILE C 23 21.19 -2.87 -3.70
CA ILE C 23 22.32 -2.40 -4.48
C ILE C 23 22.27 -0.89 -4.71
N LEU C 24 21.10 -0.39 -5.06
CA LEU C 24 20.98 1.04 -5.33
C LEU C 24 21.29 1.88 -4.09
N GLU C 25 20.77 1.48 -2.94
CA GLU C 25 21.07 2.20 -1.70
C GLU C 25 22.53 2.06 -1.29
N PHE C 26 23.10 0.89 -1.57
CA PHE C 26 24.53 0.65 -1.30
C PHE C 26 25.45 1.64 -2.02
N VAL C 27 25.12 2.00 -3.26
CA VAL C 27 25.93 2.95 -4.01
C VAL C 27 25.48 4.38 -3.77
N GLY C 28 24.57 4.57 -2.82
CA GLY C 28 24.17 5.91 -2.42
C GLY C 28 23.02 6.50 -3.21
N GLU C 29 22.27 5.68 -3.92
CA GLU C 29 21.11 6.19 -4.65
C GLU C 29 19.86 6.00 -3.83
N GLN C 30 18.93 6.93 -3.93
CA GLN C 30 17.61 6.71 -3.34
C GLN C 30 16.68 6.17 -4.43
N CYS C 31 15.72 5.35 -4.02
CA CYS C 31 14.81 4.77 -4.98
C CYS C 31 13.43 4.55 -4.40
N GLU C 32 12.45 4.55 -5.29
CA GLU C 32 11.08 4.19 -4.95
C GLU C 32 10.85 2.91 -5.76
N VAL C 33 10.62 1.79 -5.08
CA VAL C 33 10.51 0.51 -5.78
C VAL C 33 9.08 -0.01 -5.73
N ILE C 34 8.49 -0.22 -6.91
CA ILE C 34 7.08 -0.62 -6.99
C ILE C 34 6.83 -1.79 -7.92
N GLU C 35 5.61 -2.30 -7.88
CA GLU C 35 5.12 -3.28 -8.85
C GLU C 35 4.43 -2.58 -10.03
N SER C 36 4.27 -3.30 -11.13
CA SER C 36 3.74 -2.68 -12.35
C SER C 36 2.28 -2.22 -12.18
N THR C 37 1.60 -2.76 -11.18
CA THR C 37 0.22 -2.37 -10.90
C THR C 37 0.11 -1.16 -9.96
N GLN C 38 1.23 -0.54 -9.60
CA GLN C 38 1.20 0.61 -8.71
C GLN C 38 1.58 1.89 -9.46
N ILE C 39 1.47 1.84 -10.79
CA ILE C 39 1.86 2.95 -11.66
C ILE C 39 1.00 4.20 -11.45
N ASP C 40 -0.24 4.02 -10.99
CA ASP C 40 -1.10 5.15 -10.65
C ASP C 40 -0.64 5.88 -9.41
N GLN C 41 0.20 5.23 -8.61
CA GLN C 41 0.67 5.81 -7.36
C GLN C 41 1.92 6.67 -7.53
N ILE C 42 2.39 6.78 -8.77
CA ILE C 42 3.64 7.51 -9.07
C ILE C 42 3.41 8.89 -9.66
N ASN C 43 4.10 9.89 -9.10
CA ASN C 43 4.11 11.21 -9.71
C ASN C 43 5.06 11.23 -10.90
N TRP C 44 4.53 10.92 -12.07
CA TRP C 44 5.31 10.85 -13.29
C TRP C 44 5.74 12.23 -13.78
N SER C 45 5.16 13.27 -13.20
CA SER C 45 5.48 14.64 -13.58
C SER C 45 6.76 15.11 -12.91
N ALA C 46 7.18 14.43 -11.85
CA ALA C 46 8.34 14.86 -11.10
C ALA C 46 9.62 14.49 -11.81
N VAL C 47 10.72 15.09 -11.38
CA VAL C 47 12.00 14.82 -11.99
C VAL C 47 12.64 13.63 -11.27
N TRP C 48 12.70 12.50 -11.96
CA TRP C 48 13.30 11.30 -11.41
C TRP C 48 14.71 11.18 -11.95
N GLY C 49 15.56 10.44 -11.26
CA GLY C 49 16.92 10.25 -11.72
C GLY C 49 16.94 9.28 -12.87
N GLY C 50 15.86 8.53 -12.98
CA GLY C 50 15.71 7.49 -13.99
C GLY C 50 14.65 6.49 -13.56
N CYS C 51 14.23 5.68 -14.51
CA CYS C 51 13.26 4.64 -14.26
C CYS C 51 13.83 3.33 -14.75
N ILE C 52 13.97 2.40 -13.83
CA ILE C 52 14.45 1.06 -14.12
C ILE C 52 13.28 0.09 -14.17
N LEU C 53 13.08 -0.52 -15.34
CA LEU C 53 12.01 -1.50 -15.53
C LEU C 53 12.57 -2.92 -15.48
N GLY C 54 11.90 -3.80 -14.76
CA GLY C 54 12.36 -5.17 -14.62
C GLY C 54 11.34 -6.15 -15.16
N SER C 55 11.02 -7.14 -14.31
CA SER C 55 10.02 -8.15 -14.65
C SER C 55 8.64 -7.51 -14.70
N LEU C 56 7.88 -7.81 -15.75
CA LEU C 56 6.52 -7.32 -15.83
C LEU C 56 5.59 -8.51 -16.00
N ARG C 57 4.60 -8.61 -15.14
CA ARG C 57 3.62 -9.70 -15.17
C ARG C 57 2.83 -9.76 -16.47
N GLY C 58 2.81 -8.65 -17.21
CA GLY C 58 2.16 -8.63 -18.50
C GLY C 58 3.12 -9.08 -19.57
N GLN C 59 4.42 -9.04 -19.25
CA GLN C 59 5.49 -9.45 -20.17
C GLN C 59 5.51 -8.53 -21.37
N ALA C 60 4.72 -7.48 -21.23
CA ALA C 60 4.53 -6.42 -22.19
C ALA C 60 4.13 -5.25 -21.32
N LEU C 61 4.34 -4.04 -21.80
CA LEU C 61 3.88 -2.87 -21.07
C LEU C 61 2.39 -2.71 -21.24
N SER C 62 1.67 -2.53 -20.12
CA SER C 62 0.24 -2.25 -20.16
C SER C 62 0.07 -0.93 -20.91
N GLU C 63 -1.07 -0.68 -21.53
CA GLU C 63 -1.19 0.57 -22.28
C GLU C 63 -0.98 1.78 -21.38
N GLN C 64 -1.40 1.69 -20.11
CA GLN C 64 -1.19 2.81 -19.20
C GLN C 64 0.29 3.06 -18.99
N LEU C 65 1.07 1.99 -18.92
CA LEU C 65 2.51 2.13 -18.75
C LEU C 65 3.16 2.71 -20.00
N ILE C 66 2.68 2.29 -21.18
CA ILE C 66 3.20 2.84 -22.42
C ILE C 66 2.93 4.36 -22.48
N GLN C 67 1.72 4.77 -22.13
CA GLN C 67 1.41 6.19 -22.08
C GLN C 67 2.26 6.95 -21.07
N SER C 68 2.43 6.38 -19.88
CA SER C 68 3.22 7.02 -18.84
C SER C 68 4.68 7.21 -19.28
N LEU C 69 5.28 6.15 -19.82
CA LEU C 69 6.65 6.25 -20.30
C LEU C 69 6.79 7.23 -21.46
N THR C 70 5.74 7.34 -22.28
CA THR C 70 5.78 8.22 -23.43
C THR C 70 5.74 9.70 -23.04
N LYS C 71 4.78 10.07 -22.21
CA LYS C 71 4.60 11.45 -21.77
C LYS C 71 5.75 11.89 -20.89
N ALA C 72 6.28 10.97 -20.09
CA ALA C 72 7.39 11.30 -19.22
C ALA C 72 8.71 11.13 -19.96
N ASN C 73 8.88 11.86 -21.06
CA ASN C 73 10.12 11.72 -21.83
C ASN C 73 11.30 12.37 -21.11
N HIS C 74 11.04 13.00 -19.97
CA HIS C 74 12.10 13.61 -19.17
C HIS C 74 12.81 12.59 -18.26
N ILE C 75 12.32 11.36 -18.26
CA ILE C 75 12.91 10.31 -17.44
C ILE C 75 13.72 9.33 -18.27
N PRO C 76 15.02 9.23 -17.98
CA PRO C 76 15.83 8.25 -18.71
C PRO C 76 15.44 6.83 -18.28
N LEU C 77 15.33 5.92 -19.24
CA LEU C 77 14.82 4.57 -19.01
C LEU C 77 15.94 3.56 -19.05
N LEU C 78 15.98 2.71 -18.04
CA LEU C 78 16.88 1.56 -18.02
C LEU C 78 16.08 0.26 -17.90
N VAL C 79 16.57 -0.81 -18.51
CA VAL C 79 15.98 -2.13 -18.33
C VAL C 79 16.87 -3.05 -17.50
N ALA C 80 16.29 -3.63 -16.44
CA ALA C 80 17.04 -4.54 -15.60
C ALA C 80 16.85 -5.99 -16.05
N ASN C 81 17.97 -6.57 -16.50
CA ASN C 81 18.09 -7.91 -17.07
C ASN C 81 17.34 -8.04 -18.41
N LYS C 82 17.59 -9.14 -19.12
CA LYS C 82 16.99 -9.38 -20.43
C LYS C 82 15.52 -9.80 -20.31
N GLN C 83 14.66 -9.04 -21.01
CA GLN C 83 13.21 -9.17 -20.95
C GLN C 83 12.65 -9.45 -22.36
N PRO C 84 11.47 -10.10 -22.44
CA PRO C 84 10.81 -10.38 -23.72
C PRO C 84 10.21 -9.14 -24.37
N TYR C 85 10.02 -8.08 -23.60
CA TYR C 85 9.56 -6.83 -24.17
C TYR C 85 10.76 -5.98 -24.56
N SER C 86 10.51 -4.91 -25.32
CA SER C 86 11.58 -4.02 -25.76
C SER C 86 11.24 -2.56 -25.45
N LEU C 87 12.23 -1.77 -25.09
CA LEU C 87 12.00 -0.36 -24.79
C LEU C 87 12.77 0.55 -25.72
N GLU C 88 13.40 -0.05 -26.73
CA GLU C 88 14.31 0.68 -27.63
C GLU C 88 13.65 1.80 -28.44
N GLU C 89 12.37 1.65 -28.72
CA GLU C 89 11.64 2.65 -29.48
C GLU C 89 11.46 3.97 -28.69
N PHE C 90 11.63 3.91 -27.36
CA PHE C 90 11.48 5.11 -26.53
C PHE C 90 12.71 5.97 -26.66
N PRO C 91 12.52 7.26 -27.01
CA PRO C 91 13.65 8.17 -27.15
C PRO C 91 14.38 8.41 -25.83
N ASN C 92 13.70 8.18 -24.71
CA ASN C 92 14.34 8.35 -23.41
C ASN C 92 14.94 7.03 -22.90
N TYR C 93 14.98 6.01 -23.74
CA TYR C 93 15.64 4.76 -23.37
C TYR C 93 17.15 4.94 -23.39
N VAL C 94 17.84 4.55 -22.31
CA VAL C 94 19.29 4.76 -22.29
C VAL C 94 20.08 3.47 -22.11
N GLY C 95 19.40 2.32 -22.10
CA GLY C 95 20.12 1.05 -22.10
C GLY C 95 19.67 0.01 -21.09
N GLU C 96 20.39 -1.11 -21.04
CA GLU C 96 20.00 -2.16 -20.13
C GLU C 96 21.14 -2.58 -19.22
N LEU C 97 20.73 -3.07 -18.05
CA LEU C 97 21.61 -3.59 -17.01
C LEU C 97 21.45 -5.11 -16.90
N ASP C 98 22.51 -5.86 -17.18
CA ASP C 98 22.47 -7.32 -17.07
C ASP C 98 22.85 -7.82 -15.68
N PHE C 99 22.24 -8.92 -15.26
CA PHE C 99 22.52 -9.52 -13.95
C PHE C 99 23.63 -10.55 -14.07
N PRO C 100 24.48 -10.66 -13.04
CA PRO C 100 24.42 -9.80 -11.85
C PRO C 100 25.00 -8.40 -12.09
N LEU C 101 24.38 -7.43 -11.42
CA LEU C 101 24.88 -6.07 -11.48
C LEU C 101 26.31 -6.00 -11.00
N ASN C 102 27.06 -5.07 -11.57
CA ASN C 102 28.42 -4.80 -11.09
C ASN C 102 28.62 -3.30 -11.06
N TYR C 103 29.60 -2.86 -10.28
CA TYR C 103 29.79 -1.43 -10.04
C TYR C 103 30.12 -0.61 -11.30
N PRO C 104 31.10 -1.02 -12.12
CA PRO C 104 31.37 -0.19 -13.30
C PRO C 104 30.17 -0.09 -14.25
N GLN C 105 29.45 -1.17 -14.45
CA GLN C 105 28.26 -1.14 -15.30
C GLN C 105 27.17 -0.24 -14.72
N LEU C 106 26.87 -0.41 -13.43
CA LEU C 106 25.83 0.39 -12.82
C LEU C 106 26.25 1.84 -12.79
N SER C 107 27.50 2.07 -12.42
CA SER C 107 28.02 3.42 -12.36
C SER C 107 27.91 4.08 -13.73
N ASP C 108 28.26 3.33 -14.76
CA ASP C 108 28.20 3.85 -16.11
C ASP C 108 26.76 4.18 -16.50
N ALA C 109 25.85 3.31 -16.11
CA ALA C 109 24.44 3.52 -16.42
C ALA C 109 23.90 4.77 -15.72
N LEU C 110 24.24 4.94 -14.44
CA LEU C 110 23.72 6.09 -13.70
C LEU C 110 24.32 7.37 -14.25
N ARG C 111 25.53 7.25 -14.78
CA ARG C 111 26.18 8.40 -15.38
C ARG C 111 25.40 8.82 -16.63
N HIS C 112 24.96 7.85 -17.43
CA HIS C 112 24.16 8.15 -18.62
C HIS C 112 22.83 8.81 -18.27
N CYS C 113 22.25 8.41 -17.14
CA CYS C 113 21.03 9.04 -16.66
C CYS C 113 21.27 10.52 -16.36
N LYS C 114 22.32 10.83 -15.61
CA LYS C 114 22.65 12.24 -15.34
C LYS C 114 22.93 13.01 -16.61
N GLU C 115 23.67 12.41 -17.55
CA GLU C 115 24.00 13.08 -18.80
C GLU C 115 22.71 13.36 -19.57
N PHE C 116 21.82 12.36 -19.59
CA PHE C 116 20.52 12.49 -20.23
C PHE C 116 19.72 13.64 -19.62
N LEU C 117 19.62 13.63 -18.30
CA LEU C 117 18.91 14.66 -17.56
C LEU C 117 19.54 16.02 -17.79
N GLY C 118 20.87 16.02 -17.88
CA GLY C 118 21.61 17.24 -18.12
C GLY C 118 21.28 17.84 -19.47
N ARG C 119 21.18 17.00 -20.50
CA ARG C 119 20.85 17.53 -21.82
C ARG C 119 19.43 18.07 -21.87
N LYS C 120 18.52 17.45 -21.10
CA LYS C 120 17.14 17.91 -21.04
C LYS C 120 16.98 19.11 -20.12
N GLY C 121 18.08 19.55 -19.51
CA GLY C 121 18.10 20.76 -18.70
C GLY C 121 17.94 20.64 -17.20
N PHE C 122 17.95 19.41 -16.68
CA PHE C 122 17.77 19.20 -15.24
C PHE C 122 19.13 18.96 -14.60
N GLN C 123 19.78 20.00 -14.09
CA GLN C 123 21.10 19.80 -13.47
C GLN C 123 21.06 19.93 -11.95
N VAL C 124 20.83 18.79 -11.29
CA VAL C 124 20.82 18.72 -9.84
C VAL C 124 21.53 17.45 -9.34
N SER D 3 -8.55 -30.84 -17.32
CA SER D 3 -9.02 -30.83 -15.93
C SER D 3 -8.99 -29.42 -15.36
N LEU D 4 -10.08 -29.03 -14.72
CA LEU D 4 -10.14 -27.70 -14.13
C LEU D 4 -9.44 -27.82 -12.79
N ALA D 5 -8.52 -26.89 -12.52
CA ALA D 5 -7.71 -26.97 -11.31
C ALA D 5 -8.55 -26.55 -10.11
N LYS D 6 -7.94 -26.44 -8.93
CA LYS D 6 -8.69 -26.08 -7.73
C LYS D 6 -9.28 -24.67 -7.91
N LEU D 7 -10.51 -24.49 -7.43
CA LEU D 7 -11.21 -23.20 -7.48
C LEU D 7 -11.01 -22.31 -6.25
N LEU D 8 -10.90 -21.00 -6.50
CA LEU D 8 -10.87 -19.99 -5.43
C LEU D 8 -12.28 -19.46 -5.17
N VAL D 9 -12.66 -19.35 -3.91
CA VAL D 9 -13.95 -18.75 -3.56
C VAL D 9 -13.73 -17.63 -2.55
N ILE D 10 -14.16 -16.42 -2.91
CA ILE D 10 -14.08 -15.31 -1.97
C ILE D 10 -15.50 -14.89 -1.63
N GLU D 11 -15.87 -15.16 -0.38
CA GLU D 11 -17.25 -15.02 0.05
C GLU D 11 -17.26 -14.70 1.54
N ASP D 12 -17.86 -13.57 1.91
CA ASP D 12 -17.78 -13.10 3.29
C ASP D 12 -18.94 -13.56 4.16
N ASP D 13 -19.91 -14.23 3.57
CA ASP D 13 -20.98 -14.85 4.33
C ASP D 13 -20.72 -16.32 4.61
N ALA D 14 -20.69 -16.70 5.89
CA ALA D 14 -20.35 -18.07 6.27
C ALA D 14 -21.28 -19.12 5.65
N ALA D 15 -22.58 -18.85 5.65
CA ALA D 15 -23.54 -19.82 5.08
C ALA D 15 -23.32 -20.01 3.58
N ILE D 16 -22.98 -18.93 2.88
CA ILE D 16 -22.76 -19.04 1.45
C ILE D 16 -21.43 -19.73 1.18
N ARG D 17 -20.42 -19.46 2.01
CA ARG D 17 -19.15 -20.20 1.92
C ARG D 17 -19.42 -21.68 2.01
N LEU D 18 -20.25 -22.06 2.99
CA LEU D 18 -20.61 -23.46 3.17
C LEU D 18 -21.36 -23.98 1.95
N ASN D 19 -22.37 -23.23 1.52
CA ASN D 19 -23.16 -23.60 0.37
C ASN D 19 -22.31 -23.82 -0.88
N LEU D 20 -21.46 -22.86 -1.18
CA LEU D 20 -20.66 -22.92 -2.39
C LEU D 20 -19.68 -24.06 -2.33
N SER D 21 -19.02 -24.24 -1.19
CA SER D 21 -18.02 -25.30 -1.10
C SER D 21 -18.66 -26.68 -1.18
N VAL D 22 -19.81 -26.87 -0.55
CA VAL D 22 -20.46 -28.17 -0.61
C VAL D 22 -20.83 -28.51 -2.06
N ILE D 23 -21.45 -27.57 -2.74
CA ILE D 23 -21.91 -27.80 -4.11
C ILE D 23 -20.75 -27.95 -5.09
N LEU D 24 -19.72 -27.12 -4.94
CA LEU D 24 -18.59 -27.23 -5.84
C LEU D 24 -17.93 -28.59 -5.71
N GLU D 25 -17.77 -29.03 -4.46
CA GLU D 25 -17.17 -30.33 -4.20
C GLU D 25 -18.10 -31.42 -4.72
N PHE D 26 -19.40 -31.19 -4.58
CA PHE D 26 -20.40 -32.16 -5.06
C PHE D 26 -20.28 -32.41 -6.57
N VAL D 27 -19.99 -31.38 -7.35
CA VAL D 27 -19.87 -31.55 -8.81
C VAL D 27 -18.44 -31.93 -9.20
N GLY D 28 -17.61 -32.22 -8.20
CA GLY D 28 -16.27 -32.74 -8.38
C GLY D 28 -15.16 -31.72 -8.48
N GLU D 29 -15.42 -30.49 -8.05
CA GLU D 29 -14.40 -29.45 -8.05
C GLU D 29 -13.78 -29.38 -6.66
N GLN D 30 -12.49 -29.11 -6.57
CA GLN D 30 -11.92 -28.82 -5.26
C GLN D 30 -11.81 -27.31 -5.13
N CYS D 31 -11.92 -26.79 -3.91
CA CYS D 31 -11.82 -25.34 -3.78
C CYS D 31 -11.17 -24.89 -2.47
N GLU D 32 -10.63 -23.67 -2.52
CA GLU D 32 -10.10 -22.96 -1.35
C GLU D 32 -10.95 -21.73 -1.13
N VAL D 33 -11.54 -21.64 0.05
CA VAL D 33 -12.49 -20.60 0.35
C VAL D 33 -12.00 -19.60 1.39
N ILE D 34 -11.99 -18.33 1.04
CA ILE D 34 -11.55 -17.32 1.98
C ILE D 34 -12.56 -16.20 2.10
N GLU D 35 -12.34 -15.37 3.11
CA GLU D 35 -13.03 -14.11 3.25
C GLU D 35 -12.23 -13.07 2.50
N SER D 36 -12.85 -11.93 2.22
CA SER D 36 -12.21 -10.92 1.41
C SER D 36 -10.99 -10.33 2.13
N THR D 37 -10.93 -10.46 3.45
CA THR D 37 -9.79 -9.97 4.20
C THR D 37 -8.69 -11.02 4.35
N GLN D 38 -8.83 -12.17 3.69
CA GLN D 38 -7.83 -13.23 3.80
C GLN D 38 -7.09 -13.45 2.50
N ILE D 39 -7.00 -12.40 1.69
CA ILE D 39 -6.42 -12.48 0.35
C ILE D 39 -4.96 -12.93 0.39
N ASP D 40 -4.29 -12.68 1.50
CA ASP D 40 -2.90 -13.10 1.66
C ASP D 40 -2.73 -14.62 1.80
N GLN D 41 -3.82 -15.32 2.06
CA GLN D 41 -3.71 -16.76 2.25
C GLN D 41 -3.68 -17.53 0.93
N ILE D 42 -3.84 -16.81 -0.18
CA ILE D 42 -3.86 -17.44 -1.51
C ILE D 42 -2.56 -17.20 -2.26
N ASN D 43 -1.98 -18.25 -2.83
CA ASN D 43 -0.85 -18.10 -3.75
C ASN D 43 -1.41 -17.67 -5.10
N TRP D 44 -1.49 -16.37 -5.32
CA TRP D 44 -2.10 -15.86 -6.54
C TRP D 44 -1.27 -16.14 -7.77
N SER D 45 0.00 -16.52 -7.56
CA SER D 45 0.90 -16.77 -8.67
C SER D 45 0.66 -18.11 -9.35
N ALA D 46 0.03 -19.02 -8.63
CA ALA D 46 -0.21 -20.37 -9.13
C ALA D 46 -1.43 -20.44 -10.06
N VAL D 47 -1.55 -21.55 -10.80
CA VAL D 47 -2.69 -21.71 -11.73
C VAL D 47 -3.87 -22.33 -11.02
N TRP D 48 -4.93 -21.54 -10.91
CA TRP D 48 -6.18 -21.96 -10.33
C TRP D 48 -7.20 -22.23 -11.44
N GLY D 49 -8.23 -23.00 -11.10
CA GLY D 49 -9.29 -23.28 -12.06
C GLY D 49 -10.24 -22.11 -12.26
N GLY D 50 -10.19 -21.15 -11.34
CA GLY D 50 -11.05 -19.99 -11.40
C GLY D 50 -11.22 -19.33 -10.04
N CYS D 51 -11.77 -18.13 -10.03
CA CYS D 51 -12.07 -17.45 -8.77
C CYS D 51 -13.48 -16.93 -8.75
N ILE D 52 -14.25 -17.42 -7.79
CA ILE D 52 -15.63 -17.02 -7.63
C ILE D 52 -15.76 -15.98 -6.54
N LEU D 53 -16.19 -14.78 -6.89
CA LEU D 53 -16.42 -13.76 -5.88
C LEU D 53 -17.88 -13.68 -5.54
N GLY D 54 -18.20 -13.65 -4.25
CA GLY D 54 -19.59 -13.56 -3.83
C GLY D 54 -19.84 -12.27 -3.09
N SER D 55 -20.56 -12.36 -1.97
CA SER D 55 -20.86 -11.17 -1.20
C SER D 55 -19.60 -10.74 -0.46
N LEU D 56 -19.38 -9.44 -0.44
CA LEU D 56 -18.21 -8.86 0.18
C LEU D 56 -18.62 -7.83 1.22
N ARG D 57 -17.94 -7.86 2.37
CA ARG D 57 -18.18 -6.90 3.42
C ARG D 57 -18.04 -5.50 2.80
N GLY D 58 -19.03 -4.65 3.04
CA GLY D 58 -19.10 -3.28 2.56
C GLY D 58 -19.49 -3.22 1.09
N GLN D 59 -20.12 -4.31 0.64
CA GLN D 59 -20.57 -4.49 -0.75
C GLN D 59 -19.71 -3.80 -1.81
N ALA D 60 -18.40 -3.92 -1.68
CA ALA D 60 -17.47 -3.30 -2.62
C ALA D 60 -16.15 -4.07 -2.65
N LEU D 61 -15.44 -3.96 -3.77
CA LEU D 61 -14.09 -4.53 -3.91
C LEU D 61 -13.05 -3.64 -3.20
N SER D 62 -12.29 -4.18 -2.27
CA SER D 62 -11.22 -3.41 -1.63
C SER D 62 -10.14 -3.07 -2.65
N GLU D 63 -9.36 -2.01 -2.38
CA GLU D 63 -8.30 -1.67 -3.31
C GLU D 63 -7.29 -2.80 -3.42
N GLN D 64 -7.07 -3.49 -2.30
CA GLN D 64 -6.20 -4.66 -2.24
C GLN D 64 -6.70 -5.81 -3.11
N LEU D 65 -8.01 -6.01 -3.11
CA LEU D 65 -8.60 -7.09 -3.90
C LEU D 65 -8.55 -6.73 -5.39
N ILE D 66 -8.78 -5.46 -5.68
CA ILE D 66 -8.65 -5.00 -7.04
C ILE D 66 -7.23 -5.24 -7.55
N GLN D 67 -6.25 -4.91 -6.73
CA GLN D 67 -4.84 -5.14 -7.08
C GLN D 67 -4.57 -6.63 -7.29
N SER D 68 -5.07 -7.48 -6.40
CA SER D 68 -4.85 -8.92 -6.55
C SER D 68 -5.50 -9.46 -7.82
N LEU D 69 -6.75 -9.10 -8.06
CA LEU D 69 -7.46 -9.61 -9.25
C LEU D 69 -6.80 -9.10 -10.54
N THR D 70 -6.21 -7.91 -10.47
CA THR D 70 -5.55 -7.34 -11.63
C THR D 70 -4.28 -8.13 -11.96
N LYS D 71 -3.48 -8.43 -10.94
CA LYS D 71 -2.24 -9.16 -11.16
C LYS D 71 -2.50 -10.59 -11.60
N ALA D 72 -3.55 -11.19 -11.06
CA ALA D 72 -3.87 -12.58 -11.37
C ALA D 72 -4.80 -12.69 -12.58
N ASN D 73 -4.39 -12.12 -13.71
CA ASN D 73 -5.21 -12.13 -14.91
C ASN D 73 -5.25 -13.50 -15.59
N HIS D 74 -4.47 -14.44 -15.07
CA HIS D 74 -4.45 -15.79 -15.59
C HIS D 74 -5.56 -16.64 -14.97
N ILE D 75 -6.30 -16.04 -14.05
CA ILE D 75 -7.41 -16.73 -13.38
C ILE D 75 -8.75 -16.19 -13.87
N PRO D 76 -9.62 -17.07 -14.40
CA PRO D 76 -10.95 -16.67 -14.85
C PRO D 76 -11.86 -16.30 -13.67
N LEU D 77 -12.61 -15.21 -13.84
CA LEU D 77 -13.39 -14.61 -12.75
C LEU D 77 -14.88 -14.84 -12.91
N LEU D 78 -15.53 -15.34 -11.86
CA LEU D 78 -16.99 -15.46 -11.83
C LEU D 78 -17.55 -14.66 -10.67
N VAL D 79 -18.72 -14.06 -10.86
CA VAL D 79 -19.44 -13.41 -9.75
C VAL D 79 -20.64 -14.25 -9.37
N ALA D 80 -20.72 -14.61 -8.11
CA ALA D 80 -21.81 -15.43 -7.58
C ALA D 80 -22.93 -14.55 -7.07
N ASN D 81 -24.13 -14.76 -7.62
CA ASN D 81 -25.28 -13.91 -7.31
C ASN D 81 -25.12 -12.52 -7.88
N LYS D 82 -26.22 -11.77 -7.90
CA LYS D 82 -26.16 -10.40 -8.35
C LYS D 82 -25.57 -9.59 -7.22
N GLN D 83 -24.49 -8.88 -7.49
CA GLN D 83 -23.79 -8.11 -6.45
C GLN D 83 -23.79 -6.63 -6.83
N PRO D 84 -23.72 -5.73 -5.83
CA PRO D 84 -23.71 -4.29 -6.09
C PRO D 84 -22.43 -3.80 -6.75
N TYR D 85 -21.36 -4.58 -6.68
CA TYR D 85 -20.13 -4.26 -7.40
C TYR D 85 -20.16 -4.89 -8.77
N SER D 86 -19.21 -4.49 -9.60
CA SER D 86 -19.11 -5.02 -10.95
C SER D 86 -17.71 -5.54 -11.25
N LEU D 87 -17.64 -6.58 -12.07
CA LEU D 87 -16.36 -7.14 -12.49
C LEU D 87 -16.17 -7.01 -14.00
N GLU D 88 -17.04 -6.21 -14.63
CA GLU D 88 -17.01 -6.09 -16.08
C GLU D 88 -15.68 -5.53 -16.58
N GLU D 89 -15.07 -4.69 -15.77
CA GLU D 89 -13.82 -4.01 -16.12
C GLU D 89 -12.62 -4.95 -16.23
N PHE D 90 -12.73 -6.11 -15.62
CA PHE D 90 -11.64 -7.08 -15.68
C PHE D 90 -11.67 -7.90 -16.95
N PRO D 91 -10.53 -7.95 -17.65
CA PRO D 91 -10.44 -8.77 -18.86
C PRO D 91 -10.55 -10.27 -18.57
N ASN D 92 -10.27 -10.71 -17.35
CA ASN D 92 -10.36 -12.14 -17.04
C ASN D 92 -11.73 -12.53 -16.46
N TYR D 93 -12.68 -11.60 -16.51
CA TYR D 93 -14.04 -11.86 -16.09
C TYR D 93 -14.76 -12.71 -17.15
N VAL D 94 -15.35 -13.82 -16.73
CA VAL D 94 -16.01 -14.71 -17.69
C VAL D 94 -17.51 -14.95 -17.44
N GLY D 95 -18.11 -14.20 -16.52
CA GLY D 95 -19.55 -14.32 -16.36
C GLY D 95 -20.10 -14.43 -14.96
N GLU D 96 -21.38 -14.75 -14.87
CA GLU D 96 -22.03 -14.80 -13.57
C GLU D 96 -22.51 -16.20 -13.19
N LEU D 97 -22.53 -16.43 -11.89
CA LEU D 97 -23.06 -17.64 -11.30
C LEU D 97 -24.37 -17.25 -10.67
N ASP D 98 -25.46 -17.88 -11.08
CA ASP D 98 -26.74 -17.50 -10.53
C ASP D 98 -27.01 -18.17 -9.18
N PHE D 99 -27.58 -17.40 -8.26
CA PHE D 99 -28.10 -17.93 -7.02
C PHE D 99 -29.61 -17.95 -7.09
N PRO D 100 -30.26 -19.01 -6.57
CA PRO D 100 -29.62 -20.18 -5.96
C PRO D 100 -28.94 -21.03 -7.02
N LEU D 101 -27.83 -21.63 -6.66
CA LEU D 101 -27.03 -22.42 -7.57
C LEU D 101 -27.89 -23.51 -8.21
N ASN D 102 -27.69 -23.75 -9.51
CA ASN D 102 -28.31 -24.91 -10.16
C ASN D 102 -27.30 -25.53 -11.11
N TYR D 103 -27.45 -26.82 -11.36
CA TYR D 103 -26.45 -27.59 -12.08
C TYR D 103 -26.18 -27.13 -13.51
N PRO D 104 -27.22 -26.95 -14.34
CA PRO D 104 -26.89 -26.50 -15.69
C PRO D 104 -26.20 -25.12 -15.77
N GLN D 105 -26.66 -24.15 -15.00
CA GLN D 105 -26.09 -22.80 -15.02
C GLN D 105 -24.66 -22.80 -14.47
N LEU D 106 -24.44 -23.56 -13.39
CA LEU D 106 -23.12 -23.69 -12.81
C LEU D 106 -22.16 -24.36 -13.79
N SER D 107 -22.63 -25.43 -14.43
CA SER D 107 -21.83 -26.13 -15.43
C SER D 107 -21.45 -25.18 -16.55
N ASP D 108 -22.41 -24.35 -16.93
CA ASP D 108 -22.20 -23.31 -17.93
C ASP D 108 -21.10 -22.37 -17.43
N ALA D 109 -21.16 -22.02 -16.15
CA ALA D 109 -20.17 -21.12 -15.60
C ALA D 109 -18.78 -21.76 -15.57
N LEU D 110 -18.71 -23.01 -15.09
CA LEU D 110 -17.41 -23.68 -14.99
C LEU D 110 -16.84 -23.96 -16.36
N ARG D 111 -17.71 -24.10 -17.35
CA ARG D 111 -17.31 -24.33 -18.73
C ARG D 111 -16.53 -23.13 -19.27
N HIS D 112 -16.97 -21.91 -18.94
CA HIS D 112 -16.24 -20.73 -19.37
C HIS D 112 -14.83 -20.67 -18.79
N CYS D 113 -14.69 -21.10 -17.54
CA CYS D 113 -13.40 -21.14 -16.87
C CYS D 113 -12.45 -22.09 -17.58
N LYS D 114 -12.98 -23.27 -17.90
CA LYS D 114 -12.21 -24.32 -18.53
C LYS D 114 -11.62 -23.82 -19.84
N GLU D 115 -12.46 -23.13 -20.61
CA GLU D 115 -12.06 -22.58 -21.89
C GLU D 115 -11.00 -21.51 -21.74
N PHE D 116 -11.19 -20.64 -20.74
CA PHE D 116 -10.29 -19.53 -20.50
C PHE D 116 -8.86 -20.02 -20.32
N LEU D 117 -8.67 -21.02 -19.47
CA LEU D 117 -7.34 -21.59 -19.24
C LEU D 117 -6.72 -22.13 -20.54
N GLY D 118 -7.56 -22.68 -21.40
CA GLY D 118 -7.10 -23.20 -22.68
C GLY D 118 -6.54 -22.15 -23.63
N ARG D 119 -7.23 -21.02 -23.73
CA ARG D 119 -6.83 -19.94 -24.64
C ARG D 119 -5.47 -19.33 -24.29
N LYS D 120 -5.13 -19.35 -23.00
CA LYS D 120 -3.88 -18.77 -22.53
C LYS D 120 -2.70 -19.62 -22.97
C1 EDO E . 22.68 -2.61 2.43
O1 EDO E . 21.47 -3.38 2.40
C2 EDO E . 22.78 -1.91 1.09
O2 EDO E . 21.57 -1.18 0.86
C1 EDO F . 3.34 -5.74 10.10
O1 EDO F . 1.99 -5.73 9.61
C2 EDO F . 4.33 -5.77 8.94
O2 EDO F . 3.82 -6.47 7.81
C1 EDO G . 4.42 16.19 20.62
O1 EDO G . 4.64 15.21 21.64
C2 EDO G . 5.47 16.04 19.53
O2 EDO G . 5.34 14.75 18.91
C1 EDO H . 0.29 19.35 4.64
O1 EDO H . 0.86 20.02 5.76
C2 EDO H . 1.40 18.64 3.88
O2 EDO H . 1.60 19.29 2.63
C1 EDO I . 5.45 18.79 -2.76
O1 EDO I . 5.04 19.08 -1.42
C2 EDO I . 6.94 18.51 -2.84
O2 EDO I . 7.25 18.20 -4.21
S SO4 J . -1.34 -7.03 -18.14
O1 SO4 J . -0.34 -6.00 -18.37
O2 SO4 J . -1.28 -8.03 -19.20
O3 SO4 J . -1.10 -7.67 -16.85
O4 SO4 J . -2.67 -6.43 -18.13
#